data_9GNL
#
_entry.id   9GNL
#
_cell.length_a   57.535
_cell.length_b   49.621
_cell.length_c   65.950
_cell.angle_alpha   90.000
_cell.angle_beta   99.725
_cell.angle_gamma   90.000
#
_symmetry.space_group_name_H-M   'P 1 21 1'
#
loop_
_entity.id
_entity.type
_entity.pdbx_description
1 polymer 'Abscisic acid receptor PYR1'
2 non-polymer '(2Z,4E)-5-[(1S)-1-hydroxy-2,6,6-trimethyl-4-oxocyclohex-2-en-1-yl]-3-methylpenta-2,4-dienoic acid'
3 water water
#
_entity_poly.entity_id   1
_entity_poly.type   'polypeptide(L)'
_entity_poly.pdbx_seq_one_letter_code
;MDKAETSSMAEAESEDSETTTPTTHHLTIPPGLTQPEFQELAHSISEFHTYQVGPGQCSSLLAQRVHAPLPTVWSVVRRF
DKPQTYKHFIKSCHVEDGFEMRVGCLRDVNVISGLPAETSTERLDILDDERHVTGFSIIGGEHRLRNYRSVTTVHEYQNH
GGEIWTVVLESYVVDMPEGNTEEDTRLFADTVVKLNLQKLASVTEGMARDQGCF
;
_entity_poly.pdbx_strand_id   A,B
#
# COMPACT_ATOMS: atom_id res chain seq x y z
N HIS A 25 -2.86 -16.55 -20.51
CA HIS A 25 -3.31 -15.41 -19.72
C HIS A 25 -4.75 -15.03 -20.05
N HIS A 26 -5.13 -15.13 -21.32
CA HIS A 26 -6.51 -14.78 -21.69
C HIS A 26 -7.55 -15.77 -21.16
N LEU A 27 -7.14 -16.69 -20.29
CA LEU A 27 -8.08 -17.66 -19.79
C LEU A 27 -8.92 -17.07 -18.67
N THR A 28 -8.58 -15.86 -18.25
CA THR A 28 -9.34 -15.10 -17.27
C THR A 28 -9.30 -13.62 -17.58
N ILE A 29 -10.46 -12.97 -17.54
CA ILE A 29 -10.43 -11.51 -17.66
C ILE A 29 -9.56 -10.98 -16.52
N PRO A 30 -8.69 -10.00 -16.76
CA PRO A 30 -7.96 -9.40 -15.64
C PRO A 30 -8.92 -8.71 -14.69
N PRO A 31 -8.75 -8.91 -13.39
CA PRO A 31 -9.58 -8.17 -12.44
C PRO A 31 -9.35 -6.68 -12.62
N GLY A 32 -10.46 -5.94 -12.68
CA GLY A 32 -10.42 -4.53 -13.05
C GLY A 32 -10.99 -4.25 -14.42
N LEU A 33 -11.28 -5.29 -15.20
CA LEU A 33 -11.77 -5.15 -16.56
C LEU A 33 -13.05 -5.95 -16.73
N THR A 34 -14.09 -5.29 -17.24
CA THR A 34 -15.25 -6.02 -17.74
C THR A 34 -14.90 -6.68 -19.08
N GLN A 35 -15.87 -7.41 -19.63
CA GLN A 35 -15.71 -8.03 -20.94
C GLN A 35 -15.61 -7.03 -22.07
N PRO A 36 -16.51 -6.05 -22.21
CA PRO A 36 -16.36 -5.07 -23.31
C PRO A 36 -14.97 -4.46 -23.35
N GLU A 37 -14.34 -4.27 -22.19
CA GLU A 37 -12.98 -3.75 -22.19
C GLU A 37 -11.96 -4.83 -22.53
N PHE A 38 -12.13 -6.04 -21.98
CA PHE A 38 -11.21 -7.12 -22.31
C PHE A 38 -11.25 -7.47 -23.80
N GLN A 39 -12.29 -7.05 -24.50
CA GLN A 39 -12.36 -7.30 -25.94
C GLN A 39 -11.50 -6.30 -26.69
N GLU A 40 -11.72 -5.01 -26.46
CA GLU A 40 -10.93 -4.00 -27.12
C GLU A 40 -9.45 -4.15 -26.85
N LEU A 41 -9.06 -4.81 -25.77
CA LEU A 41 -7.66 -4.90 -25.39
C LEU A 41 -7.01 -6.26 -25.67
N ALA A 42 -7.77 -7.25 -26.14
CA ALA A 42 -7.20 -8.55 -26.47
C ALA A 42 -5.93 -8.42 -27.29
N HIS A 43 -5.97 -7.63 -28.36
CA HIS A 43 -4.80 -7.48 -29.22
C HIS A 43 -3.64 -6.84 -28.48
N SER A 44 -3.94 -5.87 -27.61
CA SER A 44 -2.88 -5.20 -26.87
C SER A 44 -2.24 -6.12 -25.82
N ILE A 45 -3.04 -6.97 -25.18
CA ILE A 45 -2.50 -7.93 -24.21
C ILE A 45 -1.56 -8.91 -24.92
N SER A 46 -2.01 -9.49 -26.04
CA SER A 46 -1.19 -10.47 -26.73
C SER A 46 0.09 -9.86 -27.29
N GLU A 47 0.08 -8.56 -27.57
CA GLU A 47 1.24 -7.94 -28.20
C GLU A 47 2.27 -7.46 -27.20
N PHE A 48 1.83 -7.05 -26.00
CA PHE A 48 2.70 -6.44 -25.02
C PHE A 48 2.72 -7.11 -23.64
N HIS A 49 1.72 -7.93 -23.28
CA HIS A 49 1.63 -8.44 -21.91
C HIS A 49 1.72 -9.96 -21.81
N THR A 50 2.28 -10.62 -22.81
CA THR A 50 2.44 -12.06 -22.78
C THR A 50 3.91 -12.41 -22.60
N TYR A 51 4.17 -13.47 -21.83
CA TYR A 51 5.53 -13.77 -21.40
C TYR A 51 5.87 -15.22 -21.62
N GLN A 52 7.18 -15.48 -21.65
CA GLN A 52 7.72 -16.83 -21.75
C GLN A 52 7.94 -17.29 -20.32
N VAL A 53 6.92 -17.94 -19.74
CA VAL A 53 6.98 -18.41 -18.37
C VAL A 53 6.87 -19.93 -18.38
N GLY A 54 7.78 -20.58 -17.68
CA GLY A 54 7.75 -22.02 -17.56
C GLY A 54 7.66 -22.42 -16.10
N PRO A 55 8.43 -23.43 -15.70
CA PRO A 55 8.47 -23.79 -14.28
C PRO A 55 9.34 -22.79 -13.54
N GLY A 56 9.05 -22.62 -12.26
CA GLY A 56 9.80 -21.69 -11.45
C GLY A 56 9.61 -20.26 -11.87
N GLN A 57 8.47 -19.94 -12.47
CA GLN A 57 8.14 -18.62 -12.96
C GLN A 57 6.63 -18.46 -12.86
N CYS A 58 6.19 -17.23 -12.72
CA CYS A 58 4.76 -16.97 -12.74
C CYS A 58 4.54 -15.58 -13.27
N SER A 59 3.32 -15.33 -13.72
CA SER A 59 3.02 -14.13 -14.44
C SER A 59 1.57 -13.78 -14.16
N SER A 60 1.26 -12.50 -14.29
CA SER A 60 -0.09 -12.04 -14.01
C SER A 60 -0.32 -10.75 -14.77
N LEU A 61 -1.59 -10.39 -14.94
CA LEU A 61 -1.92 -9.12 -15.57
C LEU A 61 -2.98 -8.42 -14.72
N LEU A 62 -2.71 -7.16 -14.38
CA LEU A 62 -3.66 -6.37 -13.61
C LEU A 62 -4.10 -5.18 -14.43
N ALA A 63 -5.33 -4.74 -14.19
CA ALA A 63 -5.90 -3.59 -14.86
C ALA A 63 -6.40 -2.59 -13.81
N GLN A 64 -6.28 -1.31 -14.17
CA GLN A 64 -6.73 -0.19 -13.36
C GLN A 64 -7.26 0.82 -14.35
N ARG A 65 -8.52 1.15 -14.22
CA ARG A 65 -9.13 2.18 -15.05
C ARG A 65 -9.03 3.51 -14.32
N VAL A 66 -8.48 4.50 -15.00
CA VAL A 66 -8.23 5.84 -14.48
C VAL A 66 -9.19 6.79 -15.16
N HIS A 67 -9.77 7.70 -14.40
CA HIS A 67 -10.65 8.70 -15.00
C HIS A 67 -9.92 10.04 -15.10
N ALA A 68 -8.93 10.03 -15.98
CA ALA A 68 -8.17 11.20 -16.39
C ALA A 68 -7.75 10.97 -17.84
N PRO A 69 -7.39 12.02 -18.57
CA PRO A 69 -7.07 11.84 -19.99
C PRO A 69 -5.83 10.98 -20.17
N LEU A 70 -5.74 10.33 -21.33
CA LEU A 70 -4.60 9.45 -21.57
C LEU A 70 -3.25 10.18 -21.60
N PRO A 71 -3.12 11.34 -22.23
CA PRO A 71 -1.86 12.08 -22.11
C PRO A 71 -1.50 12.41 -20.66
N THR A 72 -2.51 12.68 -19.79
CA THR A 72 -2.24 12.89 -18.38
C THR A 72 -1.64 11.64 -17.74
N VAL A 73 -2.31 10.48 -17.89
CA VAL A 73 -1.76 9.24 -17.34
C VAL A 73 -0.39 8.95 -17.93
N TRP A 74 -0.28 8.98 -19.27
CA TRP A 74 0.96 8.56 -19.90
C TRP A 74 2.15 9.44 -19.49
N SER A 75 1.91 10.75 -19.28
CA SER A 75 3.02 11.62 -18.89
C SER A 75 3.68 11.12 -17.62
N VAL A 76 2.90 10.54 -16.71
CA VAL A 76 3.41 10.00 -15.45
C VAL A 76 3.94 8.58 -15.63
N VAL A 77 3.23 7.73 -16.38
CA VAL A 77 3.67 6.35 -16.57
C VAL A 77 5.03 6.29 -17.25
N ARG A 78 5.33 7.29 -18.09
CA ARG A 78 6.52 7.24 -18.93
C ARG A 78 7.77 7.73 -18.23
N ARG A 79 7.65 8.41 -17.10
CA ARG A 79 8.86 8.94 -16.47
C ARG A 79 9.59 7.77 -15.83
N PHE A 80 10.58 7.24 -16.56
CA PHE A 80 11.40 6.16 -16.03
C PHE A 80 12.22 6.60 -14.83
N ASP A 81 12.47 7.91 -14.67
CA ASP A 81 13.29 8.42 -13.57
C ASP A 81 12.49 8.72 -12.28
N LYS A 82 11.16 8.87 -12.34
CA LYS A 82 10.30 9.17 -11.19
C LYS A 82 9.27 8.07 -10.97
N PRO A 83 9.73 6.85 -10.64
CA PRO A 83 8.76 5.80 -10.34
C PRO A 83 8.03 6.07 -9.04
N GLN A 84 8.68 6.75 -8.10
CA GLN A 84 8.02 7.13 -6.85
C GLN A 84 6.78 7.96 -7.07
N THR A 85 6.60 8.55 -8.25
CA THR A 85 5.44 9.39 -8.47
C THR A 85 4.13 8.60 -8.48
N TYR A 86 4.17 7.28 -8.65
CA TYR A 86 2.94 6.50 -8.61
C TYR A 86 3.12 5.16 -7.91
N LYS A 87 4.27 4.90 -7.28
CA LYS A 87 4.58 3.62 -6.65
C LYS A 87 4.89 3.77 -5.16
N HIS A 88 4.45 2.80 -4.35
CA HIS A 88 4.77 2.72 -2.93
C HIS A 88 6.08 1.97 -2.70
N PHE A 89 6.62 2.11 -1.48
CA PHE A 89 7.76 1.32 -1.02
C PHE A 89 9.06 1.74 -1.67
N ILE A 90 9.19 3.01 -1.99
CA ILE A 90 10.37 3.50 -2.68
C ILE A 90 11.01 4.57 -1.78
N LYS A 91 12.13 4.21 -1.14
CA LYS A 91 12.87 5.20 -0.36
C LYS A 91 13.48 6.25 -1.29
N SER A 92 14.02 5.83 -2.43
CA SER A 92 14.66 6.76 -3.35
C SER A 92 14.97 6.07 -4.67
N CYS A 93 14.93 6.85 -5.75
CA CYS A 93 15.27 6.36 -7.07
C CYS A 93 16.37 7.26 -7.63
N HIS A 94 17.45 6.64 -8.09
CA HIS A 94 18.58 7.33 -8.71
C HIS A 94 18.73 6.86 -10.16
N VAL A 95 18.78 7.81 -11.09
CA VAL A 95 19.07 7.52 -12.49
C VAL A 95 20.55 7.74 -12.78
N GLU A 96 20.92 7.78 -14.05
CA GLU A 96 22.30 8.07 -14.42
C GLU A 96 22.48 9.59 -14.49
N ASP A 97 23.74 10.03 -14.37
CA ASP A 97 23.97 11.47 -14.47
C ASP A 97 23.66 11.97 -15.87
N GLY A 98 24.02 11.18 -16.88
CA GLY A 98 23.75 11.50 -18.27
C GLY A 98 22.36 11.03 -18.65
N PHE A 99 21.39 11.31 -17.79
CA PHE A 99 20.03 10.84 -17.99
C PHE A 99 19.56 11.00 -19.42
N GLU A 100 19.80 9.98 -20.23
CA GLU A 100 19.12 9.81 -21.51
C GLU A 100 17.91 8.94 -21.24
N MET A 101 16.73 9.56 -21.12
CA MET A 101 15.53 8.78 -20.90
C MET A 101 15.36 7.93 -22.15
N ARG A 102 15.99 6.76 -22.18
CA ARG A 102 16.15 5.98 -23.40
C ARG A 102 16.13 4.50 -23.06
N VAL A 103 15.82 3.66 -24.07
CA VAL A 103 15.91 2.22 -23.86
C VAL A 103 17.34 1.88 -23.44
N GLY A 104 17.47 1.17 -22.32
CA GLY A 104 18.77 0.84 -21.78
C GLY A 104 19.20 1.68 -20.59
N CYS A 105 18.57 2.82 -20.37
CA CYS A 105 18.87 3.62 -19.20
C CYS A 105 18.66 2.79 -17.93
N LEU A 106 19.50 3.05 -16.94
CA LEU A 106 19.46 2.34 -15.68
C LEU A 106 18.98 3.26 -14.55
N ARG A 107 18.22 2.69 -13.62
CA ARG A 107 17.80 3.38 -12.41
C ARG A 107 18.10 2.48 -11.22
N ASP A 108 18.74 3.03 -10.21
CA ASP A 108 19.08 2.28 -9.01
C ASP A 108 18.09 2.67 -7.90
N VAL A 109 17.40 1.67 -7.36
CA VAL A 109 16.24 1.92 -6.48
C VAL A 109 16.47 1.27 -5.12
N ASN A 110 16.29 2.07 -4.06
CA ASN A 110 16.23 1.57 -2.68
C ASN A 110 14.78 1.34 -2.30
N VAL A 111 14.45 0.12 -1.93
CA VAL A 111 13.07 -0.20 -1.58
C VAL A 111 12.94 -0.18 -0.06
N ILE A 112 11.74 0.19 0.39
CA ILE A 112 11.39 0.17 1.80
C ILE A 112 10.77 -1.20 2.05
N SER A 113 11.50 -2.08 2.74
CA SER A 113 10.87 -3.29 3.23
C SER A 113 11.63 -3.89 4.40
N GLY A 114 11.57 -5.21 4.50
CA GLY A 114 12.21 -5.92 5.58
C GLY A 114 13.72 -5.80 5.61
N LEU A 115 14.18 -4.59 5.90
CA LEU A 115 15.58 -4.23 6.09
C LEU A 115 15.89 -2.88 5.47
N PRO A 116 17.00 -2.26 5.82
CA PRO A 116 17.46 -1.09 5.07
C PRO A 116 18.28 -1.48 3.85
N ALA A 117 18.37 -2.78 3.58
CA ALA A 117 19.17 -3.35 2.50
C ALA A 117 18.30 -4.11 1.51
N GLU A 118 17.40 -3.42 0.82
CA GLU A 118 16.61 -4.00 -0.26
C GLU A 118 16.82 -3.13 -1.51
N THR A 119 17.71 -3.54 -2.40
CA THR A 119 18.08 -2.72 -3.55
C THR A 119 17.64 -3.34 -4.87
N SER A 120 17.57 -2.51 -5.92
CA SER A 120 17.17 -2.99 -7.24
C SER A 120 17.70 -2.08 -8.34
N THR A 121 18.60 -2.60 -9.20
CA THR A 121 19.03 -1.92 -10.42
C THR A 121 18.10 -2.32 -11.56
N GLU A 122 17.46 -1.35 -12.20
CA GLU A 122 16.44 -1.66 -13.20
C GLU A 122 16.78 -1.00 -14.52
N ARG A 123 16.59 -1.76 -15.61
CA ARG A 123 16.83 -1.30 -16.97
C ARG A 123 15.51 -1.03 -17.68
N LEU A 124 15.47 0.07 -18.43
CA LEU A 124 14.35 0.40 -19.31
C LEU A 124 14.42 -0.46 -20.59
N ASP A 125 13.37 -1.25 -20.85
CA ASP A 125 13.34 -2.17 -21.99
C ASP A 125 12.60 -1.63 -23.20
N ILE A 126 11.47 -0.95 -23.00
CA ILE A 126 10.61 -0.48 -24.07
C ILE A 126 10.08 0.90 -23.70
N LEU A 127 9.73 1.66 -24.72
CA LEU A 127 9.15 2.98 -24.52
C LEU A 127 8.69 3.52 -25.88
N ASP A 128 7.40 3.36 -26.18
CA ASP A 128 6.80 3.83 -27.42
C ASP A 128 5.82 4.91 -27.01
N ASP A 129 6.22 6.18 -27.12
CA ASP A 129 5.26 7.24 -26.82
C ASP A 129 4.12 7.28 -27.81
N GLU A 130 4.12 6.39 -28.81
CA GLU A 130 3.07 6.35 -29.81
C GLU A 130 2.01 5.33 -29.47
N ARG A 131 2.44 4.22 -28.88
CA ARG A 131 1.55 3.17 -28.40
C ARG A 131 1.29 3.27 -26.90
N HIS A 132 1.97 4.19 -26.22
CA HIS A 132 1.82 4.39 -24.79
C HIS A 132 2.17 3.10 -24.08
N VAL A 133 3.38 2.61 -24.39
CA VAL A 133 3.95 1.38 -23.86
C VAL A 133 5.27 1.70 -23.19
N THR A 134 5.44 1.21 -21.96
CA THR A 134 6.75 1.25 -21.34
C THR A 134 7.00 -0.09 -20.65
N GLY A 135 8.26 -0.35 -20.33
CA GLY A 135 8.62 -1.62 -19.76
C GLY A 135 10.03 -1.62 -19.22
N PHE A 136 10.28 -2.48 -18.23
CA PHE A 136 11.56 -2.52 -17.53
C PHE A 136 11.82 -3.95 -17.09
N SER A 137 13.07 -4.19 -16.69
CA SER A 137 13.47 -5.44 -16.09
C SER A 137 14.40 -5.15 -14.91
N ILE A 138 14.39 -6.05 -13.93
CA ILE A 138 15.24 -5.94 -12.76
C ILE A 138 16.49 -6.75 -13.06
N ILE A 139 17.63 -6.08 -13.18
CA ILE A 139 18.87 -6.69 -13.63
C ILE A 139 19.87 -6.91 -12.51
N GLY A 140 19.61 -6.42 -11.31
CA GLY A 140 20.57 -6.59 -10.22
C GLY A 140 19.99 -6.09 -8.93
N GLY A 141 20.55 -6.57 -7.82
CA GLY A 141 20.12 -6.14 -6.52
C GLY A 141 19.67 -7.29 -5.62
N GLU A 142 19.50 -6.94 -4.36
CA GLU A 142 19.11 -7.89 -3.32
C GLU A 142 17.60 -7.86 -3.14
N HIS A 143 16.97 -9.02 -3.30
CA HIS A 143 15.55 -9.21 -3.06
C HIS A 143 15.26 -10.69 -3.27
N ARG A 144 14.16 -11.17 -2.70
CA ARG A 144 13.81 -12.57 -2.92
C ARG A 144 13.36 -12.79 -4.36
N LEU A 145 12.45 -11.94 -4.84
CA LEU A 145 11.80 -12.11 -6.15
C LEU A 145 12.70 -11.56 -7.27
N ARG A 146 13.54 -12.43 -7.80
CA ARG A 146 14.56 -12.10 -8.80
C ARG A 146 14.05 -12.35 -10.21
N ASN A 147 14.65 -11.64 -11.15
CA ASN A 147 14.31 -11.74 -12.58
C ASN A 147 12.88 -11.26 -12.83
N TYR A 148 12.56 -10.12 -12.23
CA TYR A 148 11.27 -9.48 -12.42
C TYR A 148 11.28 -8.74 -13.75
N ARG A 149 10.20 -8.90 -14.51
CA ARG A 149 10.05 -8.25 -15.79
C ARG A 149 8.63 -7.77 -15.83
N SER A 150 8.43 -6.52 -16.25
CA SER A 150 7.12 -5.92 -16.20
C SER A 150 6.94 -5.05 -17.42
N VAL A 151 5.70 -4.98 -17.92
CA VAL A 151 5.31 -4.06 -18.97
C VAL A 151 4.05 -3.31 -18.56
N THR A 152 3.95 -2.07 -19.01
CA THR A 152 2.78 -1.24 -18.76
C THR A 152 2.33 -0.57 -20.05
N THR A 153 1.04 -0.69 -20.37
CA THR A 153 0.45 0.04 -21.46
C THR A 153 -0.74 0.84 -20.96
N VAL A 154 -1.11 1.84 -21.76
CA VAL A 154 -2.19 2.78 -21.46
C VAL A 154 -3.10 2.87 -22.68
N HIS A 155 -4.39 2.90 -22.44
CA HIS A 155 -5.38 2.86 -23.50
C HIS A 155 -6.55 3.76 -23.15
N GLU A 156 -7.27 4.19 -24.17
CA GLU A 156 -8.49 4.97 -24.03
C GLU A 156 -9.67 4.05 -24.25
N TYR A 157 -10.74 4.26 -23.51
CA TYR A 157 -11.93 3.42 -23.63
C TYR A 157 -13.17 4.29 -23.55
N GLN A 158 -14.25 3.84 -24.18
CA GLN A 158 -15.46 4.64 -24.33
C GLN A 158 -16.71 3.77 -24.32
N ASN A 159 -17.37 3.68 -23.17
CA ASN A 159 -18.64 2.94 -23.09
C ASN A 159 -19.78 3.94 -22.88
N HIS A 160 -20.57 4.21 -23.94
CA HIS A 160 -21.74 5.10 -23.88
C HIS A 160 -21.38 6.51 -23.42
N GLY A 162 -20.49 7.13 -24.17
CA GLY A 162 -19.91 8.37 -23.73
C GLY A 162 -18.98 8.02 -22.59
N GLU A 163 -18.62 9.05 -21.84
CA GLU A 163 -17.57 8.92 -20.84
C GLU A 163 -16.35 8.23 -21.40
N ILE A 164 -15.30 8.99 -21.63
CA ILE A 164 -14.05 8.45 -22.11
C ILE A 164 -13.15 8.30 -20.90
N TRP A 165 -12.52 7.13 -20.76
CA TRP A 165 -11.61 6.94 -19.65
C TRP A 165 -10.42 6.14 -20.15
N THR A 166 -9.35 6.21 -19.36
CA THR A 166 -8.11 5.51 -19.62
C THR A 166 -8.13 4.16 -18.91
N VAL A 167 -7.44 3.19 -19.49
CA VAL A 167 -7.28 1.89 -18.88
C VAL A 167 -5.79 1.61 -18.85
N VAL A 168 -5.26 1.27 -17.68
CA VAL A 168 -3.84 0.96 -17.53
C VAL A 168 -3.73 -0.52 -17.27
N LEU A 169 -2.92 -1.20 -18.07
CA LEU A 169 -2.63 -2.61 -17.89
C LEU A 169 -1.19 -2.70 -17.45
N GLU A 170 -0.92 -3.51 -16.44
CA GLU A 170 0.44 -3.72 -15.96
C GLU A 170 0.61 -5.22 -15.77
N SER A 171 1.58 -5.81 -16.45
CA SER A 171 1.83 -7.23 -16.34
C SER A 171 3.27 -7.44 -15.94
N TYR A 172 3.56 -8.66 -15.50
CA TYR A 172 4.90 -9.02 -15.10
C TYR A 172 5.10 -10.52 -15.25
N VAL A 173 6.35 -10.91 -15.22
CA VAL A 173 6.77 -12.28 -14.98
C VAL A 173 7.88 -12.20 -13.95
N VAL A 174 7.90 -13.15 -13.03
CA VAL A 174 8.92 -13.13 -11.98
C VAL A 174 9.28 -14.55 -11.66
N ASP A 175 10.57 -14.78 -11.40
CA ASP A 175 11.00 -16.09 -10.95
C ASP A 175 10.49 -16.31 -9.53
N MET A 176 9.63 -17.28 -9.36
CA MET A 176 9.09 -17.56 -8.04
C MET A 176 10.12 -18.27 -7.17
N PRO A 177 10.32 -17.83 -5.93
CA PRO A 177 11.36 -18.42 -5.07
C PRO A 177 11.11 -19.91 -4.81
N GLU A 178 12.15 -20.57 -4.30
CA GLU A 178 12.04 -21.98 -3.95
C GLU A 178 11.29 -22.09 -2.63
N GLY A 179 10.21 -22.89 -2.62
CA GLY A 179 9.34 -22.98 -1.46
C GLY A 179 8.11 -22.09 -1.49
N ASN A 180 8.02 -21.13 -2.41
CA ASN A 180 6.85 -20.27 -2.49
C ASN A 180 5.96 -20.76 -3.64
N THR A 181 4.68 -20.94 -3.35
CA THR A 181 3.78 -21.48 -4.34
C THR A 181 3.48 -20.43 -5.40
N GLU A 182 2.88 -20.89 -6.51
CA GLU A 182 2.47 -19.99 -7.58
C GLU A 182 1.40 -19.02 -7.10
N GLU A 183 0.46 -19.49 -6.28
CA GLU A 183 -0.51 -18.60 -5.64
C GLU A 183 0.21 -17.62 -4.72
N ASP A 184 0.95 -18.16 -3.75
CA ASP A 184 1.54 -17.32 -2.72
C ASP A 184 2.47 -16.26 -3.31
N THR A 185 3.05 -16.53 -4.48
CA THR A 185 3.94 -15.54 -5.06
C THR A 185 3.16 -14.47 -5.81
N ARG A 186 2.24 -14.88 -6.68
CA ARG A 186 1.42 -13.92 -7.40
C ARG A 186 0.55 -13.12 -6.45
N LEU A 187 0.01 -13.77 -5.42
CA LEU A 187 -0.79 -13.04 -4.44
C LEU A 187 -0.02 -11.85 -3.89
N PHE A 188 1.25 -12.04 -3.57
CA PHE A 188 2.07 -10.93 -3.10
C PHE A 188 2.35 -9.92 -4.22
N ALA A 189 2.86 -10.40 -5.36
CA ALA A 189 3.20 -9.47 -6.45
C ALA A 189 1.96 -8.75 -6.96
N ASP A 190 0.84 -9.45 -7.10
CA ASP A 190 -0.41 -8.80 -7.49
C ASP A 190 -0.77 -7.65 -6.55
N THR A 191 -0.58 -7.85 -5.24
CA THR A 191 -0.94 -6.80 -4.29
C THR A 191 -0.14 -5.53 -4.54
N VAL A 192 1.19 -5.63 -4.58
CA VAL A 192 1.99 -4.43 -4.83
C VAL A 192 1.48 -3.72 -6.07
N VAL A 193 1.26 -4.46 -7.16
CA VAL A 193 0.93 -3.83 -8.43
C VAL A 193 -0.43 -3.15 -8.34
N LYS A 194 -1.44 -3.86 -7.82
CA LYS A 194 -2.74 -3.20 -7.69
C LYS A 194 -2.61 -1.91 -6.91
N LEU A 195 -1.75 -1.91 -5.88
CA LEU A 195 -1.62 -0.74 -5.02
C LEU A 195 -0.89 0.39 -5.72
N ASN A 196 0.17 0.06 -6.47
CA ASN A 196 0.76 1.11 -7.27
C ASN A 196 -0.23 1.58 -8.32
N LEU A 197 -1.08 0.67 -8.81
CA LEU A 197 -2.10 1.10 -9.76
C LEU A 197 -3.07 2.06 -9.10
N GLN A 198 -3.57 1.73 -7.89
CA GLN A 198 -4.46 2.66 -7.19
C GLN A 198 -3.81 4.03 -7.04
N LYS A 199 -2.55 4.06 -6.59
CA LYS A 199 -1.91 5.35 -6.41
C LYS A 199 -1.88 6.14 -7.71
N LEU A 200 -1.46 5.49 -8.82
CA LEU A 200 -1.45 6.21 -10.10
C LEU A 200 -2.84 6.73 -10.46
N ALA A 201 -3.88 5.91 -10.30
CA ALA A 201 -5.21 6.43 -10.61
C ALA A 201 -5.50 7.66 -9.76
N SER A 202 -4.97 7.65 -8.53
CA SER A 202 -5.23 8.72 -7.59
C SER A 202 -4.43 9.96 -7.99
N VAL A 203 -3.15 9.79 -8.32
CA VAL A 203 -2.34 10.93 -8.76
C VAL A 203 -2.88 11.52 -10.05
N THR A 204 -3.37 10.69 -10.96
CA THR A 204 -3.69 11.31 -12.26
C THR A 204 -5.10 11.87 -12.28
N GLU A 205 -6.05 11.21 -11.61
CA GLU A 205 -7.38 11.80 -11.54
C GLU A 205 -7.35 13.10 -10.77
N GLY A 206 -6.34 13.27 -9.89
CA GLY A 206 -6.16 14.52 -9.16
C GLY A 206 -5.48 15.58 -9.99
N MET A 207 -4.57 15.17 -10.88
CA MET A 207 -4.06 16.10 -11.88
C MET A 207 -5.20 16.57 -12.79
N ALA A 208 -6.06 15.66 -13.22
CA ALA A 208 -7.12 16.04 -14.14
C ALA A 208 -8.04 17.06 -13.48
N ARG A 209 -8.63 16.69 -12.33
CA ARG A 209 -9.46 17.62 -11.56
C ARG A 209 -8.77 18.95 -11.28
N ASP A 210 -7.45 18.95 -11.04
CA ASP A 210 -6.65 20.17 -10.84
C ASP A 210 -5.96 20.51 -12.16
N GLN A 211 -6.58 21.35 -12.98
CA GLN A 211 -5.99 21.59 -14.28
C GLN A 211 -6.21 22.98 -14.81
N THR B 20 13.22 4.75 29.14
CA THR B 20 11.97 5.21 29.73
C THR B 20 11.59 6.61 29.23
N THR B 21 12.28 7.08 28.18
CA THR B 21 12.07 8.45 27.71
C THR B 21 10.74 8.55 26.95
N PRO B 22 10.05 9.71 27.02
CA PRO B 22 8.69 9.80 26.47
C PRO B 22 8.67 9.80 24.93
N THR B 23 7.80 10.64 24.35
CA THR B 23 7.70 10.83 22.91
C THR B 23 7.05 12.20 22.68
N THR B 24 7.88 13.25 22.77
CA THR B 24 7.43 14.61 22.48
C THR B 24 6.74 14.64 21.12
N HIS B 25 5.43 14.36 21.11
CA HIS B 25 4.68 14.12 19.87
C HIS B 25 3.69 15.21 19.51
N HIS B 26 2.93 15.75 20.47
CA HIS B 26 1.91 16.75 20.15
C HIS B 26 2.49 18.14 19.80
N LEU B 27 3.81 18.25 19.55
CA LEU B 27 4.43 19.49 19.11
C LEU B 27 4.64 19.64 17.60
N THR B 28 4.37 18.62 16.76
CA THR B 28 4.57 18.70 15.30
C THR B 28 3.40 18.06 14.55
N ILE B 29 2.90 18.76 13.52
CA ILE B 29 1.75 18.27 12.77
C ILE B 29 2.07 16.94 12.10
N PRO B 30 1.22 15.92 12.23
CA PRO B 30 1.32 14.75 11.36
C PRO B 30 0.77 15.11 9.98
N PRO B 31 1.46 14.72 8.91
CA PRO B 31 0.89 14.91 7.58
C PRO B 31 -0.42 14.14 7.46
N GLY B 32 -1.41 14.78 6.84
CA GLY B 32 -2.78 14.31 6.81
C GLY B 32 -3.70 15.15 7.68
N LEU B 33 -3.15 16.05 8.49
CA LEU B 33 -3.94 16.89 9.39
C LEU B 33 -3.63 18.35 9.09
N THR B 34 -4.68 19.13 8.84
CA THR B 34 -4.48 20.55 8.78
C THR B 34 -4.08 21.04 10.16
N GLN B 35 -3.79 22.33 10.27
CA GLN B 35 -3.47 22.87 11.59
C GLN B 35 -4.69 22.92 12.49
N PRO B 36 -5.84 23.47 12.06
CA PRO B 36 -7.02 23.50 12.94
C PRO B 36 -7.39 22.16 13.55
N GLU B 37 -7.20 21.06 12.80
CA GLU B 37 -7.51 19.76 13.37
C GLU B 37 -6.45 19.32 14.36
N PHE B 38 -5.18 19.66 14.12
CA PHE B 38 -4.13 19.37 15.07
C PHE B 38 -4.32 20.11 16.40
N GLN B 39 -5.23 21.10 16.45
CA GLN B 39 -5.53 21.75 17.72
C GLN B 39 -6.50 20.92 18.56
N GLU B 40 -7.65 20.53 18.00
CA GLU B 40 -8.60 19.75 18.77
C GLU B 40 -8.00 18.46 19.31
N LEU B 41 -6.97 17.93 18.65
CA LEU B 41 -6.45 16.61 18.99
C LEU B 41 -5.20 16.67 19.85
N ALA B 42 -4.68 17.86 20.15
CA ALA B 42 -3.50 17.94 21.00
C ALA B 42 -3.64 17.01 22.20
N HIS B 43 -4.75 17.13 22.94
CA HIS B 43 -4.93 16.33 24.14
C HIS B 43 -5.10 14.86 23.80
N SER B 44 -5.78 14.54 22.71
CA SER B 44 -5.91 13.13 22.34
C SER B 44 -4.55 12.52 21.99
N ILE B 45 -3.73 13.26 21.26
CA ILE B 45 -2.40 12.75 20.90
C ILE B 45 -1.57 12.53 22.16
N SER B 46 -1.55 13.50 23.08
CA SER B 46 -0.75 13.36 24.29
C SER B 46 -1.25 12.23 25.19
N GLU B 47 -2.54 11.89 25.11
CA GLU B 47 -3.13 10.89 25.98
C GLU B 47 -2.97 9.45 25.46
N PHE B 48 -3.00 9.24 24.15
CA PHE B 48 -3.00 7.87 23.61
C PHE B 48 -1.87 7.56 22.66
N HIS B 49 -1.23 8.57 22.07
CA HIS B 49 -0.27 8.33 20.99
C HIS B 49 1.14 8.77 21.36
N THR B 50 1.44 8.88 22.65
CA THR B 50 2.79 9.12 23.12
C THR B 50 3.27 7.88 23.88
N TYR B 51 4.53 7.51 23.67
CA TYR B 51 5.06 6.22 24.13
C TYR B 51 6.36 6.40 24.88
N GLN B 52 6.74 5.34 25.59
CA GLN B 52 8.04 5.24 26.25
C GLN B 52 9.01 4.58 25.26
N VAL B 53 9.70 5.39 24.47
CA VAL B 53 10.66 4.91 23.48
C VAL B 53 12.01 5.58 23.75
N GLY B 54 13.07 4.79 23.78
CA GLY B 54 14.39 5.35 23.98
C GLY B 54 15.53 4.42 23.66
N PRO B 55 15.53 3.23 24.24
CA PRO B 55 16.59 2.26 23.95
C PRO B 55 16.23 1.27 22.86
N GLY B 56 16.80 1.40 21.66
CA GLY B 56 16.55 0.43 20.60
C GLY B 56 15.14 0.43 20.08
N GLN B 57 14.47 1.58 20.09
CA GLN B 57 13.07 1.66 19.73
C GLN B 57 12.78 2.95 18.98
N CYS B 58 11.67 2.93 18.25
CA CYS B 58 11.18 4.08 17.51
C CYS B 58 9.66 4.03 17.52
N SER B 59 9.06 5.15 17.12
CA SER B 59 7.62 5.36 17.24
C SER B 59 7.18 6.38 16.21
N SER B 60 5.88 6.38 15.91
CA SER B 60 5.35 7.38 15.01
C SER B 60 3.86 7.53 15.20
N LEU B 61 3.31 8.62 14.68
CA LEU B 61 1.88 8.86 14.64
C LEU B 61 1.46 9.29 13.23
N LEU B 62 0.45 8.64 12.70
CA LEU B 62 -0.07 8.98 11.40
C LEU B 62 -1.53 9.37 11.52
N ALA B 63 -1.98 10.18 10.55
CA ALA B 63 -3.35 10.67 10.53
C ALA B 63 -3.98 10.42 9.17
N GLN B 64 -5.30 10.18 9.20
CA GLN B 64 -6.10 9.93 8.01
C GLN B 64 -7.47 10.58 8.20
N ARG B 65 -7.83 11.47 7.29
CA ARG B 65 -9.13 12.12 7.31
C ARG B 65 -10.15 11.31 6.51
N VAL B 66 -11.20 10.86 7.18
CA VAL B 66 -12.23 10.03 6.58
C VAL B 66 -13.49 10.86 6.47
N HIS B 67 -14.15 10.80 5.32
CA HIS B 67 -15.41 11.52 5.13
C HIS B 67 -16.57 10.53 5.21
N ALA B 68 -16.77 10.00 6.41
CA ALA B 68 -17.88 9.12 6.72
C ALA B 68 -18.25 9.36 8.18
N PRO B 69 -19.45 8.97 8.60
CA PRO B 69 -19.84 9.23 9.99
C PRO B 69 -18.94 8.45 10.93
N LEU B 70 -18.81 8.96 12.15
CA LEU B 70 -17.92 8.32 13.10
C LEU B 70 -18.38 6.90 13.44
N PRO B 71 -19.67 6.63 13.68
CA PRO B 71 -20.07 5.23 13.93
C PRO B 71 -19.73 4.31 12.77
N THR B 72 -19.79 4.80 11.53
CA THR B 72 -19.36 3.97 10.42
C THR B 72 -17.90 3.57 10.59
N VAL B 73 -17.03 4.55 10.81
CA VAL B 73 -15.61 4.25 10.94
C VAL B 73 -15.37 3.28 12.10
N TRP B 74 -15.90 3.61 13.29
CA TRP B 74 -15.60 2.77 14.46
C TRP B 74 -16.11 1.34 14.27
N SER B 75 -17.27 1.16 13.60
CA SER B 75 -17.78 -0.20 13.39
C SER B 75 -16.77 -1.06 12.62
N VAL B 76 -16.01 -0.44 11.71
CA VAL B 76 -14.97 -1.17 11.01
C VAL B 76 -13.71 -1.26 11.87
N VAL B 77 -13.30 -0.13 12.46
CA VAL B 77 -12.03 -0.07 13.21
C VAL B 77 -12.02 -1.05 14.37
N ARG B 78 -13.19 -1.38 14.90
CA ARG B 78 -13.25 -2.13 16.15
C ARG B 78 -13.07 -3.64 15.96
N ARG B 79 -13.22 -4.14 14.73
CA ARG B 79 -13.23 -5.58 14.50
C ARG B 79 -11.80 -6.12 14.55
N PHE B 80 -11.42 -6.64 15.72
CA PHE B 80 -10.10 -7.26 15.86
C PHE B 80 -9.98 -8.53 15.02
N ASP B 81 -11.10 -9.17 14.71
CA ASP B 81 -11.11 -10.47 14.06
C ASP B 81 -11.06 -10.38 12.54
N LYS B 82 -11.43 -9.23 11.97
CA LYS B 82 -11.39 -9.00 10.53
C LYS B 82 -10.54 -7.77 10.22
N PRO B 83 -9.24 -7.83 10.53
CA PRO B 83 -8.37 -6.73 10.08
C PRO B 83 -8.24 -6.70 8.56
N GLN B 84 -8.39 -7.85 7.90
CA GLN B 84 -8.35 -7.88 6.44
C GLN B 84 -9.34 -6.92 5.81
N THR B 85 -10.35 -6.46 6.57
CA THR B 85 -11.35 -5.54 6.02
C THR B 85 -10.78 -4.17 5.68
N TYR B 86 -9.66 -3.77 6.26
CA TYR B 86 -9.11 -2.44 6.00
C TYR B 86 -7.60 -2.40 5.91
N LYS B 87 -6.92 -3.53 5.99
CA LYS B 87 -5.47 -3.56 5.88
C LYS B 87 -5.12 -4.47 4.73
N HIS B 88 -4.09 -4.09 3.97
CA HIS B 88 -3.58 -4.86 2.85
C HIS B 88 -2.58 -5.90 3.36
N PHE B 89 -2.32 -6.91 2.53
CA PHE B 89 -1.32 -7.92 2.84
C PHE B 89 -1.75 -8.93 3.90
N ILE B 90 -3.04 -9.26 3.99
CA ILE B 90 -3.53 -10.25 4.94
C ILE B 90 -4.25 -11.35 4.17
N LYS B 91 -3.61 -12.52 4.10
CA LYS B 91 -4.19 -13.68 3.43
C LYS B 91 -5.44 -14.14 4.17
N SER B 92 -5.43 -14.06 5.49
CA SER B 92 -6.56 -14.47 6.31
C SER B 92 -6.26 -14.19 7.78
N CYS B 93 -7.31 -14.03 8.58
CA CYS B 93 -7.17 -13.86 10.01
C CYS B 93 -8.00 -14.93 10.68
N HIS B 94 -7.41 -15.60 11.65
CA HIS B 94 -8.08 -16.63 12.44
C HIS B 94 -8.11 -16.20 13.91
N VAL B 95 -9.31 -16.09 14.49
CA VAL B 95 -9.44 -15.92 15.93
C VAL B 95 -9.77 -17.28 16.52
N GLU B 96 -10.10 -17.33 17.82
CA GLU B 96 -10.52 -18.58 18.43
C GLU B 96 -12.04 -18.74 18.38
N ASP B 97 -12.49 -19.99 18.48
CA ASP B 97 -13.92 -20.22 18.55
C ASP B 97 -14.48 -19.74 19.88
N GLY B 98 -13.71 -19.92 20.96
CA GLY B 98 -14.08 -19.39 22.25
C GLY B 98 -13.55 -18.00 22.52
N PHE B 99 -13.60 -17.14 21.52
CA PHE B 99 -13.13 -15.77 21.64
C PHE B 99 -14.31 -14.84 21.45
N GLU B 100 -14.23 -13.66 22.05
CA GLU B 100 -15.09 -12.57 21.59
C GLU B 100 -14.31 -11.27 21.70
N MET B 101 -14.95 -10.21 21.21
CA MET B 101 -14.32 -8.90 21.05
C MET B 101 -13.86 -8.28 22.36
N ARG B 102 -12.75 -8.77 22.92
CA ARG B 102 -12.38 -8.35 24.26
C ARG B 102 -10.88 -8.38 24.46
N VAL B 103 -10.43 -7.54 25.41
CA VAL B 103 -9.01 -7.42 25.73
C VAL B 103 -8.43 -8.77 26.10
N GLY B 104 -7.34 -9.12 25.43
CA GLY B 104 -6.69 -10.39 25.63
C GLY B 104 -7.02 -11.42 24.59
N CYS B 105 -8.11 -11.26 23.85
CA CYS B 105 -8.40 -12.20 22.78
C CYS B 105 -7.27 -12.14 21.76
N LEU B 106 -6.94 -13.29 21.21
CA LEU B 106 -5.81 -13.41 20.33
C LEU B 106 -6.30 -13.71 18.93
N ARG B 107 -5.59 -13.16 17.94
CA ARG B 107 -5.85 -13.41 16.54
C ARG B 107 -4.56 -13.76 15.83
N ASP B 108 -4.64 -14.74 14.92
CA ASP B 108 -3.54 -15.14 14.05
C ASP B 108 -3.74 -14.60 12.64
N VAL B 109 -2.72 -13.94 12.12
CA VAL B 109 -2.80 -13.23 10.84
C VAL B 109 -1.84 -13.92 9.89
N ASN B 110 -2.38 -14.35 8.74
CA ASN B 110 -1.59 -14.89 7.65
C ASN B 110 -1.21 -13.73 6.75
N VAL B 111 0.06 -13.52 6.60
CA VAL B 111 0.53 -12.37 5.83
C VAL B 111 0.83 -12.75 4.37
N ILE B 112 0.60 -11.78 3.51
CA ILE B 112 0.98 -11.82 2.11
C ILE B 112 2.36 -11.17 2.04
N SER B 113 3.39 -11.96 1.78
CA SER B 113 4.71 -11.35 1.58
C SER B 113 5.53 -12.19 0.61
N GLY B 114 6.83 -11.91 0.60
CA GLY B 114 7.76 -12.62 -0.25
C GLY B 114 8.03 -14.03 0.20
N LEU B 115 7.85 -14.30 1.50
CA LEU B 115 7.99 -15.63 2.04
C LEU B 115 6.64 -16.32 2.13
N PRO B 116 6.64 -17.65 2.26
CA PRO B 116 5.38 -18.41 2.22
C PRO B 116 4.66 -18.57 3.54
N ALA B 117 5.41 -18.85 4.59
CA ALA B 117 4.86 -19.25 5.88
C ALA B 117 5.11 -18.13 6.87
N GLU B 118 4.42 -17.01 6.65
CA GLU B 118 4.55 -15.81 7.48
C GLU B 118 3.23 -15.44 8.15
N THR B 119 3.13 -15.73 9.45
CA THR B 119 1.96 -15.50 10.29
C THR B 119 2.29 -14.40 11.30
N SER B 120 1.28 -13.92 12.01
CA SER B 120 1.50 -12.91 13.04
C SER B 120 0.48 -13.10 14.15
N THR B 121 0.97 -13.43 15.36
CA THR B 121 0.13 -13.55 16.54
C THR B 121 0.01 -12.20 17.25
N GLU B 122 -1.21 -11.69 17.33
CA GLU B 122 -1.48 -10.36 17.85
C GLU B 122 -2.51 -10.40 18.98
N ARG B 123 -2.24 -9.65 20.03
CA ARG B 123 -3.09 -9.63 21.19
C ARG B 123 -3.84 -8.30 21.26
N LEU B 124 -5.13 -8.37 21.56
CA LEU B 124 -5.93 -7.16 21.71
C LEU B 124 -5.62 -6.54 23.08
N ASP B 125 -5.05 -5.34 23.07
CA ASP B 125 -4.63 -4.68 24.30
C ASP B 125 -5.66 -3.71 24.82
N ILE B 126 -6.34 -3.00 23.91
CA ILE B 126 -7.28 -1.97 24.27
C ILE B 126 -8.50 -2.07 23.38
N LEU B 127 -9.64 -1.68 23.92
CA LEU B 127 -10.87 -1.65 23.16
C LEU B 127 -11.97 -0.98 23.97
N ASP B 128 -12.18 0.31 23.76
CA ASP B 128 -13.22 1.05 24.44
C ASP B 128 -14.22 1.56 23.43
N ASP B 129 -15.39 0.92 23.39
CA ASP B 129 -16.41 1.39 22.44
C ASP B 129 -17.02 2.76 22.79
N GLU B 130 -16.68 3.40 23.92
CA GLU B 130 -17.19 4.75 24.19
C GLU B 130 -16.19 5.88 23.96
N ARG B 131 -14.90 5.66 24.17
CA ARG B 131 -13.90 6.66 23.79
C ARG B 131 -13.37 6.43 22.38
N HIS B 132 -13.78 5.33 21.73
CA HIS B 132 -13.35 4.98 20.38
C HIS B 132 -11.83 4.85 20.35
N VAL B 133 -11.32 3.97 21.22
CA VAL B 133 -9.91 3.67 21.34
C VAL B 133 -9.71 2.18 21.19
N THR B 134 -8.73 1.80 20.35
CA THR B 134 -8.34 0.41 20.20
C THR B 134 -6.83 0.32 20.02
N GLY B 135 -6.28 -0.86 20.27
CA GLY B 135 -4.84 -1.02 20.24
C GLY B 135 -4.49 -2.49 20.42
N PHE B 136 -3.31 -2.84 19.94
CA PHE B 136 -2.89 -4.23 19.98
C PHE B 136 -1.37 -4.32 20.08
N SER B 137 -0.90 -5.53 20.38
CA SER B 137 0.52 -5.82 20.33
C SER B 137 0.79 -7.11 19.54
N ILE B 138 1.99 -7.20 18.97
CA ILE B 138 2.44 -8.36 18.22
C ILE B 138 3.20 -9.26 19.17
N ILE B 139 2.65 -10.42 19.49
CA ILE B 139 3.25 -11.30 20.49
C ILE B 139 4.00 -12.46 19.88
N GLY B 140 3.87 -12.69 18.59
CA GLY B 140 4.53 -13.85 18.00
C GLY B 140 4.44 -13.82 16.49
N GLY B 141 5.38 -14.51 15.86
CA GLY B 141 5.44 -14.58 14.42
C GLY B 141 6.80 -14.09 13.95
N GLU B 142 7.14 -14.38 12.70
CA GLU B 142 8.45 -14.07 12.15
C GLU B 142 8.41 -12.73 11.42
N HIS B 143 9.20 -11.77 11.89
CA HIS B 143 9.29 -10.48 11.22
C HIS B 143 10.31 -9.59 11.93
N ARG B 144 10.74 -8.57 11.20
CA ARG B 144 11.62 -7.54 11.74
C ARG B 144 10.93 -6.78 12.85
N LEU B 145 9.66 -6.46 12.66
CA LEU B 145 8.98 -5.59 13.59
C LEU B 145 8.74 -6.36 14.88
N ARG B 146 9.71 -6.28 15.79
CA ARG B 146 9.64 -7.00 17.04
C ARG B 146 9.06 -6.10 18.12
N ASN B 147 8.26 -6.68 19.00
CA ASN B 147 7.70 -5.91 20.11
C ASN B 147 6.90 -4.71 19.58
N TYR B 148 6.11 -4.97 18.56
CA TYR B 148 5.28 -3.93 17.97
C TYR B 148 4.01 -3.75 18.78
N ARG B 149 3.67 -2.49 19.06
CA ARG B 149 2.44 -2.20 19.77
C ARG B 149 1.83 -0.93 19.19
N SER B 150 0.52 -0.94 18.99
CA SER B 150 -0.18 0.12 18.28
C SER B 150 -1.40 0.59 19.07
N VAL B 151 -1.70 1.88 18.97
CA VAL B 151 -2.95 2.44 19.47
C VAL B 151 -3.56 3.24 18.34
N THR B 152 -4.89 3.14 18.21
CA THR B 152 -5.65 3.80 17.17
C THR B 152 -6.87 4.44 17.82
N THR B 153 -7.09 5.73 17.58
CA THR B 153 -8.28 6.37 18.09
C THR B 153 -9.05 6.98 16.94
N VAL B 154 -10.33 7.23 17.20
CA VAL B 154 -11.24 7.77 16.21
C VAL B 154 -11.87 9.02 16.80
N HIS B 155 -11.97 10.06 15.98
CA HIS B 155 -12.39 11.37 16.42
C HIS B 155 -13.32 11.96 15.37
N GLU B 156 -14.19 12.83 15.82
CA GLU B 156 -15.09 13.52 14.92
C GLU B 156 -14.63 14.96 14.82
N TYR B 157 -14.95 15.60 13.71
CA TYR B 157 -14.63 17.00 13.51
C TYR B 157 -15.83 17.66 12.88
N GLN B 158 -16.02 18.93 13.19
CA GLN B 158 -17.24 19.64 12.77
C GLN B 158 -16.69 21.02 12.44
N ASN B 159 -16.47 21.29 11.15
CA ASN B 159 -15.82 22.54 10.78
C ASN B 159 -16.90 23.53 10.34
N HIS B 160 -17.50 24.15 11.36
CA HIS B 160 -18.49 25.19 11.18
C HIS B 160 -19.55 24.73 10.19
N GLY B 162 -19.63 23.41 9.91
CA GLY B 162 -20.49 22.92 8.85
C GLY B 162 -20.42 21.45 8.42
N GLU B 163 -19.31 21.03 7.78
CA GLU B 163 -19.30 19.76 7.03
C GLU B 163 -19.45 18.54 7.94
N ILE B 164 -18.53 18.38 8.90
CA ILE B 164 -18.50 17.24 9.81
C ILE B 164 -17.83 16.04 9.13
N TRP B 165 -16.70 15.61 9.69
CA TRP B 165 -15.99 14.43 9.21
C TRP B 165 -15.21 13.80 10.36
N THR B 166 -14.76 12.56 10.15
CA THR B 166 -13.99 11.78 11.11
C THR B 166 -12.47 11.96 10.88
N VAL B 167 -11.70 11.78 11.96
CA VAL B 167 -10.24 11.76 11.91
C VAL B 167 -9.75 10.53 12.64
N VAL B 168 -8.88 9.75 11.99
CA VAL B 168 -8.32 8.52 12.54
C VAL B 168 -6.85 8.78 12.87
N LEU B 169 -6.44 8.46 14.09
CA LEU B 169 -5.04 8.56 14.47
C LEU B 169 -4.51 7.18 14.80
N GLU B 170 -3.31 6.88 14.32
CA GLU B 170 -2.66 5.59 14.54
C GLU B 170 -1.20 5.81 14.88
N SER B 171 -0.77 5.24 15.98
CA SER B 171 0.61 5.37 16.42
C SER B 171 1.15 3.98 16.75
N TYR B 172 2.46 3.89 16.91
CA TYR B 172 3.09 2.63 17.28
C TYR B 172 4.44 2.94 17.92
N VAL B 173 4.95 1.94 18.63
CA VAL B 173 6.34 1.90 19.06
C VAL B 173 6.85 0.50 18.73
N VAL B 174 8.07 0.42 18.23
CA VAL B 174 8.55 -0.87 17.76
C VAL B 174 10.05 -0.95 17.98
N ASP B 175 10.52 -2.15 18.34
CA ASP B 175 11.94 -2.40 18.51
C ASP B 175 12.64 -2.29 17.16
N MET B 176 13.58 -1.38 17.07
CA MET B 176 14.32 -1.23 15.82
C MET B 176 15.19 -2.46 15.63
N PRO B 177 15.15 -3.11 14.46
CA PRO B 177 16.01 -4.29 14.26
C PRO B 177 17.48 -3.89 14.28
N GLU B 178 18.32 -4.90 14.55
CA GLU B 178 19.76 -4.68 14.64
C GLU B 178 20.39 -4.65 13.25
N GLY B 179 21.12 -3.58 12.95
CA GLY B 179 21.65 -3.33 11.63
C GLY B 179 20.74 -2.51 10.75
N ASN B 180 19.48 -2.35 11.14
CA ASN B 180 18.48 -1.62 10.39
C ASN B 180 18.25 -0.26 11.05
N THR B 181 18.25 0.79 10.24
CA THR B 181 18.22 2.14 10.80
C THR B 181 16.87 2.47 11.43
N GLU B 182 16.88 3.56 12.20
CA GLU B 182 15.65 4.09 12.77
C GLU B 182 14.72 4.58 11.67
N GLU B 183 15.27 5.33 10.71
CA GLU B 183 14.49 5.81 9.58
C GLU B 183 13.93 4.65 8.77
N ASP B 184 14.79 3.77 8.29
CA ASP B 184 14.28 2.69 7.44
C ASP B 184 13.22 1.89 8.15
N THR B 185 13.21 1.88 9.49
CA THR B 185 12.19 1.08 10.18
C THR B 185 10.87 1.82 10.25
N ARG B 186 10.91 3.09 10.66
CA ARG B 186 9.70 3.89 10.67
C ARG B 186 9.17 4.11 9.26
N LEU B 187 10.09 4.40 8.33
CA LEU B 187 9.72 4.65 6.94
C LEU B 187 8.89 3.50 6.40
N PHE B 188 9.27 2.28 6.73
CA PHE B 188 8.49 1.12 6.34
C PHE B 188 7.19 1.08 7.10
N ALA B 189 7.27 1.14 8.44
CA ALA B 189 6.06 1.07 9.26
C ALA B 189 5.10 2.19 8.92
N ASP B 190 5.62 3.42 8.76
CA ASP B 190 4.75 4.53 8.35
C ASP B 190 3.97 4.15 7.08
N THR B 191 4.65 3.58 6.09
CA THR B 191 4.01 3.26 4.81
C THR B 191 2.91 2.22 4.99
N VAL B 192 3.22 1.10 5.66
CA VAL B 192 2.18 0.12 5.96
C VAL B 192 0.97 0.82 6.58
N VAL B 193 1.21 1.63 7.62
CA VAL B 193 0.07 2.20 8.33
C VAL B 193 -0.67 3.18 7.44
N LYS B 194 0.06 4.04 6.73
CA LYS B 194 -0.59 5.04 5.89
C LYS B 194 -1.50 4.38 4.87
N LEU B 195 -1.08 3.23 4.34
CA LEU B 195 -1.90 2.63 3.30
C LEU B 195 -3.13 1.95 3.89
N ASN B 196 -3.04 1.33 5.06
CA ASN B 196 -4.25 0.80 5.67
C ASN B 196 -5.23 1.92 5.99
N LEU B 197 -4.74 3.07 6.43
CA LEU B 197 -5.62 4.20 6.70
C LEU B 197 -6.35 4.62 5.44
N GLN B 198 -5.61 4.74 4.32
CA GLN B 198 -6.25 5.00 3.03
C GLN B 198 -7.29 3.94 2.71
N LYS B 199 -6.98 2.68 2.96
CA LYS B 199 -7.97 1.64 2.69
C LYS B 199 -9.20 1.82 3.58
N LEU B 200 -9.01 1.99 4.89
CA LEU B 200 -10.16 2.19 5.76
C LEU B 200 -11.00 3.39 5.31
N ALA B 201 -10.35 4.50 4.98
CA ALA B 201 -11.11 5.67 4.56
C ALA B 201 -12.03 5.36 3.39
N SER B 202 -11.59 4.48 2.47
CA SER B 202 -12.37 4.16 1.29
C SER B 202 -13.51 3.19 1.60
N VAL B 203 -13.22 2.10 2.32
CA VAL B 203 -14.28 1.16 2.69
C VAL B 203 -15.38 1.88 3.44
N THR B 204 -15.02 2.86 4.27
CA THR B 204 -16.00 3.50 5.13
C THR B 204 -16.67 4.68 4.44
N GLU B 205 -15.95 5.44 3.60
CA GLU B 205 -16.61 6.44 2.79
C GLU B 205 -17.56 5.79 1.80
N GLY B 206 -17.37 4.49 1.55
CA GLY B 206 -18.24 3.74 0.66
C GLY B 206 -19.52 3.24 1.30
N MET B 207 -19.48 2.85 2.58
CA MET B 207 -20.72 2.58 3.30
C MET B 207 -21.52 3.87 3.48
N ALA B 208 -20.83 4.97 3.79
CA ALA B 208 -21.46 6.24 4.09
C ALA B 208 -22.17 6.84 2.88
N ARG B 209 -21.45 7.01 1.76
CA ARG B 209 -22.06 7.63 0.58
C ARG B 209 -23.42 6.99 0.27
N ASP B 210 -23.57 5.70 0.54
CA ASP B 210 -24.84 5.00 0.35
C ASP B 210 -25.55 4.92 1.70
N GLN B 211 -26.37 5.93 1.97
CA GLN B 211 -27.09 6.03 3.23
C GLN B 211 -28.44 6.72 3.07
#